data_4YG0
#
_entry.id   4YG0
#
_cell.length_a   32.210
_cell.length_b   64.050
_cell.length_c   70.920
_cell.angle_alpha   90.00
_cell.angle_beta   90.00
_cell.angle_gamma   90.00
#
_symmetry.space_group_name_H-M   'P 21 21 21'
#
loop_
_entity.id
_entity.type
_entity.pdbx_description
1 polymer 'Outer capsid protein VP4'
2 branched beta-D-galactopyranose-(1-4)-2-acetamido-2-deoxy-beta-D-glucopyranose-(1-3)-beta-D-galactopyranose-(1-4)-beta-D-glucopyranose
3 water water
#
_entity_poly.entity_id   1
_entity_poly.type   'polypeptide(L)'
_entity_poly.pdbx_seq_one_letter_code
;GSALDGPYTPDSSNLPSNYWYLINPLNDGVVFSVTNNSTFWMFTYLILPNTAQTNVTVNVMNETVNISIDNSGSTYRFVD
YFKTSSTQSYRQRNYLITEHRLQAYRRDESGNISNYWGSSTYGDLRVGTYFNPVLNAVINLNADFYIIPDSQQEKCTEYI
KGGL
;
_entity_poly.pdbx_strand_id   A
#
loop_
_chem_comp.id
_chem_comp.type
_chem_comp.name
_chem_comp.formula
BGC D-saccharide, beta linking beta-D-glucopyranose 'C6 H12 O6'
GAL D-saccharide, beta linking beta-D-galactopyranose 'C6 H12 O6'
NAG D-saccharide, beta linking 2-acetamido-2-deoxy-beta-D-glucopyranose 'C8 H15 N O6'
#
# COMPACT_ATOMS: atom_id res chain seq x y z
N GLY A 1 -12.03 21.60 -2.08
CA GLY A 1 -11.29 20.45 -1.92
C GLY A 1 -11.30 19.70 -3.20
N SER A 2 -11.55 20.38 -4.32
CA SER A 2 -11.31 19.78 -5.64
C SER A 2 -9.82 19.61 -5.92
N ALA A 3 -8.96 20.54 -5.47
CA ALA A 3 -7.52 20.38 -5.64
C ALA A 3 -7.07 19.14 -4.86
N LEU A 4 -6.11 18.41 -5.39
CA LEU A 4 -5.53 17.28 -4.70
C LEU A 4 -4.72 17.79 -3.50
N ASP A 5 -5.13 17.37 -2.32
CA ASP A 5 -4.56 17.86 -1.06
C ASP A 5 -3.22 17.19 -0.75
N GLY A 6 -2.15 17.96 -0.84
CA GLY A 6 -0.80 17.44 -0.68
C GLY A 6 0.13 18.13 -1.67
N PRO A 7 1.37 17.64 -1.82
CA PRO A 7 1.91 16.46 -1.13
C PRO A 7 2.33 16.74 0.29
N TYR A 8 2.31 15.70 1.10
CA TYR A 8 2.86 15.71 2.44
C TYR A 8 4.05 14.77 2.48
N THR A 9 5.03 15.10 3.31
CA THR A 9 6.23 14.30 3.41
C THR A 9 5.99 12.98 4.17
N PRO A 10 6.86 11.99 3.96
CA PRO A 10 6.68 10.68 4.64
C PRO A 10 6.43 10.85 6.12
N ASP A 11 5.56 10.02 6.68
CA ASP A 11 5.19 10.17 8.07
C ASP A 11 4.62 8.90 8.64
N SER A 12 4.74 8.77 9.96
CA SER A 12 4.15 7.67 10.71
C SER A 12 3.23 8.23 11.76
N SER A 13 1.98 7.82 11.74
CA SER A 13 1.04 8.28 12.76
C SER A 13 -0.22 7.45 12.74
N ASN A 14 -1.04 7.67 13.75
CA ASN A 14 -2.36 7.07 13.83
C ASN A 14 -3.30 7.84 12.91
N LEU A 15 -3.27 7.50 11.63
CA LEU A 15 -3.96 8.30 10.63
C LEU A 15 -5.47 8.23 10.77
N PRO A 16 -6.14 9.37 10.57
CA PRO A 16 -7.62 9.40 10.59
C PRO A 16 -8.27 8.44 9.59
N SER A 17 -9.40 7.91 10.00
CA SER A 17 -10.25 7.09 9.16
C SER A 17 -10.93 7.89 8.08
N ASN A 18 -11.42 7.16 7.08
CA ASN A 18 -12.27 7.68 6.01
C ASN A 18 -11.55 8.61 5.05
N TYR A 19 -10.23 8.44 4.95
CA TYR A 19 -9.44 9.11 3.92
C TYR A 19 -8.61 8.14 3.14
N TRP A 20 -8.51 8.38 1.84
CA TRP A 20 -7.52 7.71 1.00
C TRP A 20 -6.20 8.44 1.10
N TYR A 21 -5.15 7.72 1.49
CA TYR A 21 -3.79 8.25 1.50
C TYR A 21 -3.11 7.75 0.25
N LEU A 22 -2.96 8.64 -0.71
CA LEU A 22 -2.43 8.32 -2.02
C LEU A 22 -0.93 8.54 -2.00
N ILE A 23 -0.16 7.45 -1.96
CA ILE A 23 1.30 7.58 -1.88
C ILE A 23 1.94 7.66 -3.25
N ASN A 24 3.02 8.44 -3.35
CA ASN A 24 3.74 8.61 -4.60
C ASN A 24 5.23 8.38 -4.37
N PRO A 25 5.61 7.11 -4.13
CA PRO A 25 7.02 6.80 -3.82
C PRO A 25 7.96 7.01 -4.99
N LEU A 26 9.14 7.56 -4.73
CA LEU A 26 10.07 7.85 -5.81
C LEU A 26 11.06 6.72 -6.06
N ASN A 27 11.24 5.85 -5.07
CA ASN A 27 12.21 4.77 -5.19
C ASN A 27 11.54 3.41 -5.34
N ASP A 28 11.88 2.49 -4.45
CA ASP A 28 11.21 1.20 -4.36
C ASP A 28 11.32 0.69 -2.93
N GLY A 29 10.89 -0.54 -2.70
CA GLY A 29 10.98 -1.13 -1.38
C GLY A 29 9.74 -0.91 -0.53
N VAL A 30 9.90 -0.90 0.78
CA VAL A 30 8.77 -0.82 1.69
C VAL A 30 8.16 0.57 1.69
N VAL A 31 6.92 0.68 1.20
CA VAL A 31 6.32 2.00 1.05
C VAL A 31 5.16 2.25 2.03
N PHE A 32 4.69 1.18 2.70
CA PHE A 32 3.55 1.24 3.60
C PHE A 32 3.70 0.12 4.61
N SER A 33 3.37 0.38 5.87
CA SER A 33 3.32 -0.70 6.86
C SER A 33 2.44 -0.31 8.04
N VAL A 34 1.96 -1.34 8.73
CA VAL A 34 1.15 -1.17 9.92
C VAL A 34 1.16 -2.47 10.71
N THR A 35 1.14 -2.35 12.04
CA THR A 35 0.85 -3.50 12.88
C THR A 35 0.15 -3.06 14.16
N ASN A 36 -0.68 -3.91 14.73
CA ASN A 36 -1.15 -3.68 16.09
C ASN A 36 -0.40 -4.54 17.09
N ASN A 37 0.64 -5.23 16.63
CA ASN A 37 1.49 -6.07 17.48
C ASN A 37 0.73 -7.23 18.11
N SER A 38 -0.39 -7.61 17.51
CA SER A 38 -1.20 -8.70 18.08
C SER A 38 -1.79 -9.61 17.02
N THR A 39 -2.55 -9.02 16.10
CA THR A 39 -3.36 -9.81 15.18
C THR A 39 -3.11 -9.49 13.71
N PHE A 40 -2.35 -8.45 13.42
CA PHE A 40 -2.12 -8.05 12.04
C PHE A 40 -0.81 -7.30 11.89
N TRP A 41 -0.03 -7.73 10.91
CA TRP A 41 1.17 -7.07 10.44
C TRP A 41 1.03 -6.99 8.93
N MET A 42 1.20 -5.81 8.33
CA MET A 42 1.08 -5.68 6.88
C MET A 42 2.11 -4.71 6.35
N PHE A 43 2.67 -5.00 5.18
CA PHE A 43 3.45 -3.99 4.46
C PHE A 43 3.27 -4.15 2.96
N THR A 44 3.63 -3.11 2.23
CA THR A 44 3.63 -3.13 0.78
C THR A 44 5.04 -2.85 0.31
N TYR A 45 5.48 -3.66 -0.64
CA TYR A 45 6.81 -3.54 -1.24
C TYR A 45 6.64 -3.16 -2.70
N LEU A 46 7.25 -2.05 -3.10
CA LEU A 46 7.22 -1.62 -4.50
C LEU A 46 8.40 -2.22 -5.26
N ILE A 47 8.08 -2.92 -6.35
CA ILE A 47 9.07 -3.61 -7.18
C ILE A 47 9.13 -2.98 -8.57
N LEU A 48 10.33 -2.59 -8.97
CA LEU A 48 10.57 -2.02 -10.29
C LEU A 48 10.32 -3.02 -11.42
N PRO A 49 10.04 -2.51 -12.62
CA PRO A 49 9.96 -3.40 -13.78
C PRO A 49 11.20 -4.25 -13.97
N ASN A 50 11.06 -5.38 -14.65
CA ASN A 50 12.20 -6.18 -15.07
C ASN A 50 13.05 -6.63 -13.89
N THR A 51 12.37 -7.14 -12.86
CA THR A 51 13.07 -7.64 -11.69
C THR A 51 13.02 -9.15 -11.70
N ALA A 52 14.17 -9.78 -11.94
CA ALA A 52 14.28 -11.22 -11.89
C ALA A 52 13.95 -11.70 -10.48
N GLN A 53 13.30 -12.85 -10.37
CA GLN A 53 12.90 -13.35 -9.06
C GLN A 53 14.11 -13.53 -8.16
N THR A 54 14.03 -12.98 -6.96
CA THR A 54 15.12 -13.07 -6.02
C THR A 54 14.59 -12.89 -4.61
N ASN A 55 15.43 -13.21 -3.64
CA ASN A 55 15.11 -12.99 -2.24
C ASN A 55 15.85 -11.77 -1.73
N VAL A 56 15.17 -10.96 -0.92
CA VAL A 56 15.80 -9.79 -0.32
C VAL A 56 15.49 -9.78 1.16
N THR A 57 16.44 -9.31 1.94
CA THR A 57 16.24 -9.18 3.38
C THR A 57 16.07 -7.72 3.67
N VAL A 58 14.89 -7.34 4.12
CA VAL A 58 14.59 -5.92 4.25
C VAL A 58 13.99 -5.57 5.62
N ASN A 59 14.04 -4.27 5.90
CA ASN A 59 13.55 -3.71 7.14
C ASN A 59 12.06 -3.42 7.03
N VAL A 60 11.27 -4.17 7.80
CA VAL A 60 9.83 -3.92 7.92
C VAL A 60 9.51 -3.63 9.39
N MET A 61 9.20 -2.37 9.67
CA MET A 61 8.82 -1.97 11.04
C MET A 61 9.90 -2.36 12.05
N ASN A 62 11.16 -2.19 11.63
CA ASN A 62 12.36 -2.40 12.44
C ASN A 62 12.67 -3.87 12.71
N GLU A 63 11.99 -4.77 12.03
CA GLU A 63 12.35 -6.18 11.99
C GLU A 63 12.90 -6.47 10.59
N THR A 64 13.94 -7.29 10.50
CA THR A 64 14.39 -7.70 9.17
C THR A 64 13.70 -8.98 8.77
N VAL A 65 13.18 -9.00 7.55
CA VAL A 65 12.50 -10.18 7.06
C VAL A 65 12.97 -10.49 5.65
N ASN A 66 12.95 -11.77 5.32
CA ASN A 66 13.36 -12.20 4.01
C ASN A 66 12.15 -12.53 3.15
N ILE A 67 12.03 -11.87 2.01
CA ILE A 67 10.90 -12.08 1.13
C ILE A 67 11.37 -12.33 -0.28
N SER A 68 10.53 -13.03 -1.03
CA SER A 68 10.74 -13.19 -2.46
C SER A 68 10.03 -12.06 -3.20
N ILE A 69 10.75 -11.47 -4.14
CA ILE A 69 10.19 -10.44 -5.01
C ILE A 69 10.46 -10.78 -6.47
N ASP A 70 9.58 -10.33 -7.35
CA ASP A 70 9.79 -10.44 -8.79
C ASP A 70 8.86 -9.48 -9.52
N ASN A 71 9.26 -9.08 -10.72
CA ASN A 71 8.40 -8.30 -11.57
C ASN A 71 8.81 -8.57 -13.00
N SER A 72 8.07 -9.45 -13.68
CA SER A 72 8.46 -9.88 -15.01
C SER A 72 7.89 -8.99 -16.10
N GLY A 73 7.29 -7.88 -15.70
CA GLY A 73 6.73 -6.97 -16.68
C GLY A 73 7.47 -5.64 -16.79
N SER A 74 6.87 -4.72 -17.53
CA SER A 74 7.48 -3.44 -17.84
C SER A 74 6.90 -2.31 -17.00
N THR A 75 6.05 -2.65 -16.05
CA THR A 75 5.40 -1.64 -15.21
C THR A 75 5.74 -1.90 -13.74
N TYR A 76 5.22 -1.06 -12.85
CA TYR A 76 5.47 -1.20 -11.42
C TYR A 76 4.58 -2.27 -10.82
N ARG A 77 5.04 -2.89 -9.74
CA ARG A 77 4.20 -3.82 -8.99
C ARG A 77 4.27 -3.46 -7.51
N PHE A 78 3.15 -3.09 -6.92
CA PHE A 78 3.06 -2.86 -5.47
C PHE A 78 2.57 -4.16 -4.88
N VAL A 79 3.33 -4.81 -4.01
CA VAL A 79 2.95 -6.13 -3.51
C VAL A 79 2.73 -6.10 -1.99
N ASP A 80 1.56 -6.56 -1.56
CA ASP A 80 1.24 -6.62 -0.14
C ASP A 80 1.69 -7.93 0.48
N TYR A 81 2.13 -7.83 1.73
CA TYR A 81 2.45 -9.00 2.55
C TYR A 81 1.77 -8.82 3.90
N PHE A 82 1.23 -9.90 4.47
CA PHE A 82 0.77 -9.79 5.85
C PHE A 82 0.90 -11.10 6.61
N LYS A 83 0.77 -10.98 7.93
CA LYS A 83 0.67 -12.13 8.81
C LYS A 83 -0.24 -11.74 9.97
N THR A 84 -0.69 -12.74 10.72
CA THR A 84 -1.67 -12.48 11.76
C THR A 84 -1.20 -12.94 13.15
N SER A 85 0.06 -13.32 13.26
CA SER A 85 0.62 -13.63 14.57
C SER A 85 2.10 -13.34 14.55
N SER A 86 2.66 -13.07 15.73
CA SER A 86 4.07 -12.74 15.81
C SER A 86 4.99 -13.88 15.37
N THR A 87 4.56 -15.12 15.60
CA THR A 87 5.40 -16.28 15.29
C THR A 87 5.32 -16.72 13.83
N GLN A 88 4.30 -16.24 13.12
CA GLN A 88 4.16 -16.55 11.70
C GLN A 88 5.22 -15.84 10.88
N SER A 89 5.43 -16.33 9.66
CA SER A 89 6.14 -15.56 8.67
C SER A 89 5.15 -14.86 7.76
N TYR A 90 5.60 -13.83 7.06
CA TYR A 90 4.74 -13.12 6.13
C TYR A 90 4.30 -13.99 4.96
N ARG A 91 3.12 -13.69 4.45
CA ARG A 91 2.63 -14.28 3.20
C ARG A 91 2.39 -13.18 2.20
N GLN A 92 2.82 -13.41 0.97
CA GLN A 92 2.49 -12.49 -0.09
C GLN A 92 0.98 -12.56 -0.34
N ARG A 93 0.34 -11.41 -0.46
CA ARG A 93 -1.10 -11.39 -0.70
C ARG A 93 -1.39 -10.64 -1.99
N ASN A 94 -2.19 -9.58 -1.94
CA ASN A 94 -2.59 -8.91 -3.15
C ASN A 94 -1.51 -8.00 -3.72
N TYR A 95 -1.70 -7.60 -4.96
CA TYR A 95 -0.76 -6.70 -5.62
C TYR A 95 -1.49 -5.78 -6.58
N LEU A 96 -0.83 -4.68 -6.89
CA LEU A 96 -1.29 -3.72 -7.87
C LEU A 96 -0.24 -3.65 -8.98
N ILE A 97 -0.65 -3.94 -10.21
CA ILE A 97 0.20 -3.75 -11.38
C ILE A 97 -0.18 -2.42 -12.01
N THR A 98 0.78 -1.53 -12.20
CA THR A 98 0.43 -0.18 -12.60
C THR A 98 1.58 0.54 -13.28
N GLU A 99 1.26 1.38 -14.26
CA GLU A 99 2.27 2.18 -14.92
C GLU A 99 2.65 3.41 -14.10
N HIS A 100 1.95 3.65 -13.01
CA HIS A 100 2.18 4.84 -12.19
C HIS A 100 2.72 4.46 -10.82
N ARG A 101 3.60 5.30 -10.27
CA ARG A 101 4.06 5.11 -8.91
C ARG A 101 3.03 5.61 -7.91
N LEU A 102 1.83 5.01 -7.94
CA LEU A 102 0.73 5.44 -7.09
C LEU A 102 -0.02 4.25 -6.54
N GLN A 103 -0.23 4.27 -5.23
CA GLN A 103 -1.08 3.33 -4.54
C GLN A 103 -1.80 4.14 -3.48
N ALA A 104 -2.94 3.67 -3.00
CA ALA A 104 -3.67 4.41 -1.97
C ALA A 104 -4.21 3.48 -0.91
N TYR A 105 -4.28 4.01 0.31
CA TYR A 105 -4.71 3.26 1.49
C TYR A 105 -5.77 4.00 2.24
N ARG A 106 -6.77 3.27 2.73
CA ARG A 106 -7.81 3.85 3.53
C ARG A 106 -8.05 2.97 4.74
N ARG A 107 -8.22 3.57 5.91
CA ARG A 107 -8.62 2.79 7.08
C ARG A 107 -10.04 3.20 7.42
N ASP A 108 -10.95 2.23 7.42
CA ASP A 108 -12.34 2.56 7.69
C ASP A 108 -12.60 2.59 9.19
N GLU A 109 -13.83 2.93 9.57
CA GLU A 109 -14.14 3.09 10.98
C GLU A 109 -14.12 1.77 11.73
N SER A 110 -14.18 0.66 11.00
CA SER A 110 -14.06 -0.65 11.62
C SER A 110 -12.59 -1.01 11.85
N GLY A 111 -11.68 -0.18 11.35
CA GLY A 111 -10.26 -0.39 11.53
C GLY A 111 -9.57 -1.14 10.39
N ASN A 112 -10.28 -1.44 9.31
CA ASN A 112 -9.71 -2.22 8.22
C ASN A 112 -9.01 -1.38 7.17
N ILE A 113 -7.89 -1.91 6.69
CA ILE A 113 -7.13 -1.34 5.58
C ILE A 113 -7.72 -1.76 4.24
N SER A 114 -8.00 -0.80 3.38
CA SER A 114 -8.30 -1.02 1.97
C SER A 114 -7.23 -0.40 1.10
N ASN A 115 -6.98 -1.01 -0.06
CA ASN A 115 -6.06 -0.44 -1.04
C ASN A 115 -6.43 -1.00 -2.41
N TYR A 116 -5.68 -0.61 -3.42
CA TYR A 116 -6.04 -1.02 -4.78
C TYR A 116 -5.31 -2.29 -5.18
N TRP A 117 -6.09 -3.23 -5.72
CA TRP A 117 -5.61 -4.55 -6.14
C TRP A 117 -5.89 -4.73 -7.61
N GLY A 118 -5.11 -5.59 -8.25
CA GLY A 118 -5.31 -5.93 -9.65
C GLY A 118 -4.66 -4.93 -10.57
N SER A 119 -5.27 -4.69 -11.73
CA SER A 119 -4.65 -3.82 -12.70
C SER A 119 -5.65 -3.39 -13.77
N SER A 120 -5.46 -2.18 -14.28
CA SER A 120 -6.20 -1.74 -15.46
C SER A 120 -5.95 -2.67 -16.63
N THR A 121 -4.70 -3.10 -16.77
CA THR A 121 -4.35 -3.92 -17.92
C THR A 121 -5.18 -5.21 -18.01
N TYR A 122 -5.39 -5.87 -16.87
CA TYR A 122 -6.14 -7.13 -16.87
C TYR A 122 -7.62 -6.94 -16.64
N GLY A 123 -8.04 -5.70 -16.41
CA GLY A 123 -9.45 -5.37 -16.28
C GLY A 123 -10.05 -5.70 -14.92
N ASP A 124 -9.19 -5.86 -13.91
CA ASP A 124 -9.68 -6.21 -12.57
C ASP A 124 -9.21 -5.24 -11.48
N LEU A 125 -8.79 -4.04 -11.87
CA LEU A 125 -8.46 -3.01 -10.87
C LEU A 125 -9.64 -2.83 -9.92
N ARG A 126 -9.39 -2.92 -8.61
CA ARG A 126 -10.47 -2.89 -7.65
C ARG A 126 -9.96 -2.43 -6.29
N VAL A 127 -10.84 -1.81 -5.51
CA VAL A 127 -10.58 -1.58 -4.11
C VAL A 127 -10.82 -2.90 -3.39
N GLY A 128 -9.81 -3.36 -2.67
CA GLY A 128 -9.93 -4.54 -1.84
C GLY A 128 -9.77 -4.17 -0.39
N THR A 129 -10.30 -5.01 0.50
CA THR A 129 -10.20 -4.77 1.93
C THR A 129 -9.60 -5.96 2.62
N TYR A 130 -8.65 -5.68 3.51
CA TYR A 130 -8.16 -6.69 4.42
C TYR A 130 -9.01 -6.63 5.67
N PHE A 131 -9.83 -7.66 5.89
CA PHE A 131 -10.71 -7.68 7.04
C PHE A 131 -9.91 -8.16 8.25
N ASN A 132 -9.11 -7.23 8.76
CA ASN A 132 -8.11 -7.45 9.79
C ASN A 132 -7.98 -6.15 10.57
N PRO A 133 -8.90 -5.91 11.50
CA PRO A 133 -8.98 -4.57 12.11
C PRO A 133 -7.72 -4.16 12.86
N VAL A 134 -7.29 -2.92 12.61
CA VAL A 134 -6.16 -2.32 13.28
C VAL A 134 -6.44 -0.84 13.53
N LEU A 135 -7.61 -0.55 14.09
CA LEU A 135 -7.91 0.82 14.44
C LEU A 135 -6.83 1.33 15.40
N ASN A 136 -6.43 2.58 15.22
CA ASN A 136 -5.48 3.26 16.09
C ASN A 136 -4.06 2.75 16.03
N ALA A 137 -3.76 1.80 15.14
CA ALA A 137 -2.37 1.41 14.96
C ALA A 137 -1.65 2.50 14.18
N VAL A 138 -0.36 2.64 14.45
CA VAL A 138 0.46 3.60 13.73
C VAL A 138 0.65 3.14 12.29
N ILE A 139 0.31 3.98 11.32
CA ILE A 139 0.53 3.66 9.92
C ILE A 139 1.77 4.40 9.43
N ASN A 140 2.69 3.67 8.81
CA ASN A 140 3.88 4.24 8.20
C ASN A 140 3.65 4.46 6.71
N LEU A 141 3.63 5.72 6.29
CA LEU A 141 3.62 6.04 4.87
C LEU A 141 5.03 6.46 4.50
N ASN A 142 5.76 5.57 3.81
CA ASN A 142 7.16 5.82 3.51
C ASN A 142 7.31 6.43 2.12
N ALA A 143 6.63 7.53 1.91
CA ALA A 143 6.52 8.18 0.61
C ALA A 143 5.79 9.50 0.80
N ASP A 144 6.04 10.45 -0.10
CA ASP A 144 5.18 11.61 -0.18
C ASP A 144 3.75 11.14 -0.47
N PHE A 145 2.76 11.84 0.06
CA PHE A 145 1.39 11.39 -0.13
C PHE A 145 0.39 12.54 -0.18
N TYR A 146 -0.80 12.20 -0.67
CA TYR A 146 -1.91 13.11 -0.79
C TYR A 146 -3.08 12.55 0.01
N ILE A 147 -4.02 13.42 0.37
CA ILE A 147 -5.15 13.02 1.19
C ILE A 147 -6.45 13.29 0.45
N ILE A 148 -7.23 12.22 0.21
CA ILE A 148 -8.50 12.32 -0.50
C ILE A 148 -9.63 11.77 0.36
N PRO A 149 -10.66 12.58 0.63
CA PRO A 149 -11.79 12.07 1.44
C PRO A 149 -12.41 10.83 0.79
N ASP A 150 -12.85 9.83 1.56
CA ASP A 150 -13.26 8.61 0.87
C ASP A 150 -14.70 8.71 0.33
N SER A 151 -15.29 9.89 0.44
CA SER A 151 -16.49 10.24 -0.33
C SER A 151 -16.09 10.59 -1.77
N GLN A 152 -14.79 10.86 -1.98
CA GLN A 152 -14.25 11.16 -3.30
C GLN A 152 -13.44 9.99 -3.86
N GLN A 153 -13.90 8.77 -3.60
CA GLN A 153 -13.15 7.58 -4.01
C GLN A 153 -12.97 7.51 -5.51
N GLU A 154 -13.97 7.90 -6.28
CA GLU A 154 -13.81 7.82 -7.74
C GLU A 154 -12.68 8.74 -8.22
N LYS A 155 -12.45 9.84 -7.52
CA LYS A 155 -11.34 10.71 -7.85
C LYS A 155 -10.00 9.99 -7.54
N CYS A 156 -9.94 9.26 -6.43
CA CYS A 156 -8.76 8.47 -6.10
C CYS A 156 -8.51 7.40 -7.18
N THR A 157 -9.56 6.70 -7.56
CA THR A 157 -9.43 5.69 -8.61
C THR A 157 -8.91 6.28 -9.91
N GLU A 158 -9.39 7.48 -10.24
N GLU A 158 -9.38 7.48 -10.25
CA GLU A 158 -8.94 8.17 -11.43
CA GLU A 158 -8.91 8.13 -11.47
C GLU A 158 -7.42 8.40 -11.40
C GLU A 158 -7.39 8.40 -11.41
N TYR A 159 -6.91 8.84 -10.25
CA TYR A 159 -5.47 9.02 -10.06
C TYR A 159 -4.72 7.67 -10.15
N ILE A 160 -5.26 6.65 -9.51
CA ILE A 160 -4.63 5.33 -9.56
C ILE A 160 -4.50 4.85 -11.00
N LYS A 161 -5.54 5.09 -11.80
CA LYS A 161 -5.55 4.66 -13.20
C LYS A 161 -4.65 5.48 -14.10
N GLY A 162 -4.67 6.80 -13.93
CA GLY A 162 -4.14 7.70 -14.94
C GLY A 162 -2.98 8.56 -14.51
N GLY A 163 -2.62 8.54 -13.24
CA GLY A 163 -1.56 9.36 -12.73
C GLY A 163 -2.04 10.71 -12.22
N LEU A 164 -1.12 11.47 -11.64
CA LEU A 164 -1.44 12.74 -11.01
C LEU A 164 -1.78 13.83 -12.03
C2 BGC B . -9.42 -19.67 4.73
C3 BGC B . -8.96 -18.33 4.20
C4 BGC B . -9.48 -18.14 2.78
C5 BGC B . -11.00 -18.28 2.79
C6 BGC B . -11.58 -18.17 1.37
C1 BGC B . -10.93 -19.74 4.67
O1 BGC B . -11.38 -21.01 5.17
O2 BGC B . -8.97 -19.84 6.08
O3 BGC B . -7.53 -18.24 4.22
O4 BGC B . -9.10 -16.85 2.30
O5 BGC B . -11.38 -19.57 3.32
O6 BGC B . -10.98 -19.16 0.54
C1 GAL B . -8.34 -16.88 1.08
C2 GAL B . -8.19 -15.47 0.60
C3 GAL B . -7.49 -15.47 -0.75
C4 GAL B . -6.12 -16.13 -0.61
C5 GAL B . -6.31 -17.51 -0.01
C6 GAL B . -4.95 -18.16 0.20
O2 GAL B . -9.49 -14.86 0.48
O3 GAL B . -7.29 -14.14 -1.14
O4 GAL B . -5.27 -15.34 0.22
O5 GAL B . -7.01 -17.44 1.25
O6 GAL B . -5.17 -19.53 0.52
C1 NAG B . -7.54 -13.91 -2.52
C2 NAG B . -7.61 -12.41 -2.73
C3 NAG B . -7.81 -12.14 -4.21
C4 NAG B . -6.67 -12.79 -5.01
C5 NAG B . -6.64 -14.28 -4.66
C6 NAG B . -5.50 -15.04 -5.36
C7 NAG B . -8.53 -11.30 -0.76
C8 NAG B . -9.79 -10.90 0.00
N2 NAG B . -8.72 -11.92 -1.92
O3 NAG B . -7.86 -10.71 -4.46
O4 NAG B . -6.93 -12.62 -6.39
O5 NAG B . -6.42 -14.45 -3.26
O6 NAG B . -4.26 -14.44 -5.04
O7 NAG B . -7.41 -11.07 -0.28
C1 GAL B . -5.81 -12.21 -7.17
C2 GAL B . -6.14 -12.50 -8.61
C3 GAL B . -5.09 -11.88 -9.52
C4 GAL B . -4.91 -10.41 -9.22
C5 GAL B . -4.58 -10.29 -7.74
C6 GAL B . -4.40 -8.83 -7.34
O2 GAL B . -6.13 -13.92 -8.82
O3 GAL B . -5.50 -12.06 -10.88
O4 GAL B . -6.13 -9.68 -9.48
O5 GAL B . -5.67 -10.83 -6.97
O6 GAL B . -4.09 -8.79 -5.94
#